data_6JUZ
#
_entry.id   6JUZ
#
_cell.length_a   40.530
_cell.length_b   87.549
_cell.length_c   43.196
_cell.angle_alpha   90.000
_cell.angle_beta   93.740
_cell.angle_gamma   90.000
#
_symmetry.space_group_name_H-M   'P 1 21 1'
#
loop_
_entity.id
_entity.type
_entity.pdbx_description
1 polymer 'Sll1336 protein'
2 non-polymer ARGININE
3 non-polymer 1,2-ETHANEDIOL
4 water water
#
_entity_poly.entity_id   1
_entity_poly.type   'polypeptide(L)'
_entity_poly.pdbx_seq_one_letter_code
;MGSSHHHHHHSSGLVPRGSHMMADDIRILMCPPDHYDVDYVINPWMEGNIHKSSQERAVEQWKKLHQTIKECAIVDLVKP
AKGWPDMVFTASAGLVLGENVVLSRFYHKERQGEEPYFKAWFEENGFTVYELPQDLPFEGAGDALFDREGRWLWAGYGFR
SELDSHPYIAKWLDTEVVSLRLIDERFYHLDTCFCPLSGGYLLYYPPAFDAYSNRVIEMRIPPEKRIIVEELDAVNFACN
AVNVNDIIIMNLVSRTLKEKLAEAGFKVRETPLTEFLKAGGAAKCLTLRVTEPILPDVHATV
;
_entity_poly.pdbx_strand_id   A
#
loop_
_chem_comp.id
_chem_comp.type
_chem_comp.name
_chem_comp.formula
EDO non-polymer 1,2-ETHANEDIOL 'C2 H6 O2'
#
# COMPACT_ATOMS: atom_id res chain seq x y z
N ASP A 25 -15.87 -11.25 6.05
CA ASP A 25 -16.10 -9.84 6.36
C ASP A 25 -14.87 -9.00 6.04
N ILE A 26 -13.89 -9.59 5.38
CA ILE A 26 -12.73 -8.88 4.86
C ILE A 26 -12.96 -8.65 3.37
N ARG A 27 -12.92 -7.39 2.95
CA ARG A 27 -13.14 -7.02 1.56
C ARG A 27 -12.01 -6.12 1.10
N ILE A 28 -11.54 -6.36 -0.12
CA ILE A 28 -10.40 -5.67 -0.70
C ILE A 28 -10.84 -5.09 -2.04
N LEU A 29 -10.52 -3.82 -2.26
CA LEU A 29 -10.83 -3.15 -3.51
C LEU A 29 -9.64 -3.22 -4.46
N MET A 30 -9.91 -3.62 -5.70
CA MET A 30 -8.92 -3.67 -6.78
C MET A 30 -9.51 -2.99 -8.01
N CYS A 31 -8.66 -2.78 -9.02
CA CYS A 31 -9.06 -2.08 -10.23
C CYS A 31 -8.27 -2.68 -11.38
N PRO A 32 -8.93 -3.26 -12.38
CA PRO A 32 -8.22 -4.05 -13.40
C PRO A 32 -7.45 -3.19 -14.38
N PRO A 33 -6.43 -3.77 -15.00
CA PRO A 33 -5.51 -3.00 -15.85
C PRO A 33 -5.96 -2.83 -17.29
N ASP A 34 -7.26 -2.56 -17.49
CA ASP A 34 -7.80 -2.37 -18.83
C ASP A 34 -7.09 -1.25 -19.58
N HIS A 35 -6.65 -0.22 -18.87
CA HIS A 35 -6.03 0.96 -19.47
C HIS A 35 -4.63 1.18 -18.93
N TYR A 36 -3.99 0.12 -18.48
CA TYR A 36 -2.70 0.23 -17.81
C TYR A 36 -1.56 0.39 -18.79
N ASP A 37 -0.66 1.31 -18.47
CA ASP A 37 0.55 1.59 -19.22
C ASP A 37 1.45 2.35 -18.27
N VAL A 38 2.69 2.55 -18.67
CA VAL A 38 3.58 3.51 -18.03
C VAL A 38 3.69 4.68 -18.99
N ASP A 39 3.07 5.80 -18.62
CA ASP A 39 2.93 6.97 -19.50
C ASP A 39 3.70 8.18 -19.02
N TYR A 40 4.26 8.15 -17.81
CA TYR A 40 4.92 9.31 -17.23
C TYR A 40 5.89 8.78 -16.18
N VAL A 41 6.62 9.71 -15.56
CA VAL A 41 7.66 9.35 -14.60
C VAL A 41 7.41 10.18 -13.35
N ILE A 42 6.83 9.55 -12.32
CA ILE A 42 6.60 10.26 -11.06
C ILE A 42 7.20 9.53 -9.87
N ASN A 43 7.98 8.48 -10.13
CA ASN A 43 8.82 7.88 -9.11
C ASN A 43 9.99 7.21 -9.81
N PRO A 44 11.07 6.88 -9.10
CA PRO A 44 12.29 6.44 -9.79
C PRO A 44 12.13 5.16 -10.57
N TRP A 45 11.20 4.29 -10.17
CA TRP A 45 11.04 3.02 -10.85
C TRP A 45 10.49 3.19 -12.24
N MET A 46 9.83 4.30 -12.50
CA MET A 46 9.22 4.56 -13.80
C MET A 46 10.22 5.08 -14.82
N GLU A 47 11.36 5.59 -14.37
CA GLU A 47 12.37 6.12 -15.28
C GLU A 47 12.81 5.04 -16.26
N GLY A 48 12.82 5.40 -17.55
CA GLY A 48 13.20 4.46 -18.58
C GLY A 48 12.16 3.41 -18.90
N ASN A 49 10.99 3.45 -18.26
CA ASN A 49 9.98 2.41 -18.43
C ASN A 49 8.74 2.87 -19.19
N ILE A 50 8.73 4.10 -19.70
CA ILE A 50 7.56 4.54 -20.44
C ILE A 50 7.31 3.60 -21.62
N HIS A 51 6.08 3.10 -21.70
CA HIS A 51 5.65 2.15 -22.74
C HIS A 51 6.47 0.87 -22.75
N LYS A 52 7.08 0.49 -21.63
CA LYS A 52 7.80 -0.77 -21.55
C LYS A 52 6.97 -1.88 -20.93
N SER A 53 5.78 -1.57 -20.42
CA SER A 53 4.90 -2.60 -19.90
C SER A 53 4.17 -3.29 -21.06
N SER A 54 3.94 -4.59 -20.87
CA SER A 54 3.09 -5.36 -21.77
C SER A 54 1.69 -5.41 -21.13
N GLN A 55 0.70 -4.80 -21.79
CA GLN A 55 -0.64 -4.78 -21.21
C GLN A 55 -1.19 -6.19 -21.07
N GLU A 56 -0.91 -7.07 -22.02
CA GLU A 56 -1.39 -8.45 -21.94
C GLU A 56 -0.75 -9.20 -20.78
N ARG A 57 0.56 -9.04 -20.60
CA ARG A 57 1.21 -9.67 -19.45
C ARG A 57 0.72 -9.05 -18.15
N ALA A 58 0.46 -7.74 -18.15
CA ALA A 58 -0.06 -7.10 -16.95
C ALA A 58 -1.41 -7.66 -16.59
N VAL A 59 -2.27 -7.90 -17.59
CA VAL A 59 -3.57 -8.51 -17.35
C VAL A 59 -3.40 -9.89 -16.72
N GLU A 60 -2.48 -10.70 -17.27
CA GLU A 60 -2.28 -12.03 -16.71
C GLU A 60 -1.79 -11.98 -15.27
N GLN A 61 -0.81 -11.11 -14.99
CA GLN A 61 -0.27 -10.98 -13.64
C GLN A 61 -1.35 -10.49 -12.68
N TRP A 62 -2.13 -9.50 -13.10
CA TRP A 62 -3.17 -8.98 -12.23
C TRP A 62 -4.22 -10.05 -11.95
N LYS A 63 -4.59 -10.83 -12.97
CA LYS A 63 -5.60 -11.86 -12.77
C LYS A 63 -5.10 -12.92 -11.79
N LYS A 64 -3.83 -13.30 -11.88
CA LYS A 64 -3.29 -14.25 -10.91
C LYS A 64 -3.31 -13.68 -9.50
N LEU A 65 -2.94 -12.40 -9.35
CA LEU A 65 -3.00 -11.78 -8.03
C LEU A 65 -4.43 -11.73 -7.51
N HIS A 66 -5.35 -11.29 -8.37
CA HIS A 66 -6.76 -11.22 -7.99
C HIS A 66 -7.27 -12.57 -7.50
N GLN A 67 -6.94 -13.64 -8.24
CA GLN A 67 -7.39 -14.98 -7.82
C GLN A 67 -6.79 -15.35 -6.49
N THR A 68 -5.51 -15.06 -6.29
CA THR A 68 -4.86 -15.41 -5.02
C THR A 68 -5.49 -14.65 -3.86
N ILE A 69 -5.73 -13.36 -4.03
CA ILE A 69 -6.36 -12.57 -2.99
C ILE A 69 -7.77 -13.06 -2.72
N LYS A 70 -8.51 -13.37 -3.78
CA LYS A 70 -9.90 -13.78 -3.62
C LYS A 70 -10.03 -15.10 -2.88
N GLU A 71 -8.99 -15.93 -2.88
CA GLU A 71 -9.03 -17.13 -2.06
C GLU A 71 -9.02 -16.79 -0.57
N CYS A 72 -8.57 -15.59 -0.21
CA CYS A 72 -8.46 -15.16 1.17
C CYS A 72 -9.48 -14.11 1.59
N ALA A 73 -10.02 -13.33 0.67
CA ALA A 73 -10.91 -12.23 1.00
C ALA A 73 -11.84 -11.97 -0.17
N ILE A 74 -12.97 -11.34 0.11
CA ILE A 74 -13.83 -10.86 -0.95
C ILE A 74 -13.11 -9.72 -1.67
N VAL A 75 -13.20 -9.71 -3.00
CA VAL A 75 -12.60 -8.64 -3.81
C VAL A 75 -13.70 -7.88 -4.52
N ASP A 76 -13.78 -6.58 -4.25
CA ASP A 76 -14.61 -5.65 -4.98
C ASP A 76 -13.76 -4.94 -6.03
N LEU A 77 -14.39 -4.54 -7.13
CA LEU A 77 -13.70 -3.89 -8.22
C LEU A 77 -14.31 -2.52 -8.49
N VAL A 78 -13.46 -1.56 -8.82
CA VAL A 78 -13.87 -0.26 -9.35
C VAL A 78 -13.46 -0.23 -10.83
N LYS A 79 -14.34 0.30 -11.66
CA LYS A 79 -14.08 0.37 -13.10
C LYS A 79 -12.94 1.33 -13.39
N PRO A 80 -11.95 0.94 -14.18
CA PRO A 80 -10.83 1.85 -14.46
C PRO A 80 -11.22 2.92 -15.46
N ALA A 81 -10.55 4.06 -15.35
CA ALA A 81 -10.79 5.19 -16.24
C ALA A 81 -9.65 5.31 -17.25
N LYS A 82 -10.01 5.41 -18.52
CA LYS A 82 -8.99 5.59 -19.56
C LYS A 82 -8.27 6.93 -19.35
N GLY A 83 -6.95 6.90 -19.51
CA GLY A 83 -6.14 8.08 -19.29
C GLY A 83 -5.57 8.22 -17.90
N TRP A 84 -5.91 7.30 -16.98
CA TRP A 84 -5.39 7.32 -15.61
C TRP A 84 -4.84 5.92 -15.34
N PRO A 85 -3.69 5.59 -15.93
CA PRO A 85 -3.21 4.20 -15.86
C PRO A 85 -2.89 3.75 -14.45
N ASP A 86 -2.53 4.67 -13.55
CA ASP A 86 -2.17 4.26 -12.20
C ASP A 86 -3.39 3.97 -11.32
N MET A 87 -4.60 4.05 -11.89
CA MET A 87 -5.79 3.72 -11.10
C MET A 87 -5.80 2.27 -10.65
N VAL A 88 -5.01 1.41 -11.29
CA VAL A 88 -4.85 0.04 -10.80
C VAL A 88 -4.35 0.02 -9.37
N PHE A 89 -3.63 1.05 -8.96
CA PHE A 89 -3.01 1.10 -7.64
C PHE A 89 -3.97 1.70 -6.63
N THR A 90 -4.96 0.88 -6.26
CA THR A 90 -6.06 1.32 -5.40
C THR A 90 -5.63 1.61 -3.98
N ALA A 91 -4.45 1.17 -3.55
CA ALA A 91 -4.00 1.51 -2.19
C ALA A 91 -4.03 2.99 -1.96
N SER A 92 -3.80 3.80 -3.00
CA SER A 92 -3.81 5.24 -2.83
CA SER A 92 -3.80 5.24 -2.82
C SER A 92 -5.15 5.89 -3.10
N ALA A 93 -6.22 5.11 -3.20
CA ALA A 93 -7.53 5.74 -3.37
C ALA A 93 -7.91 6.57 -2.15
N GLY A 94 -7.55 6.10 -0.97
CA GLY A 94 -7.92 6.76 0.26
C GLY A 94 -7.50 5.90 1.44
N LEU A 95 -7.82 6.40 2.62
CA LEU A 95 -7.55 5.70 3.88
C LEU A 95 -8.89 5.41 4.54
N VAL A 96 -9.17 4.13 4.79
CA VAL A 96 -10.46 3.66 5.30
C VAL A 96 -10.33 3.29 6.77
N LEU A 97 -11.33 3.69 7.56
CA LEU A 97 -11.51 3.18 8.91
C LEU A 97 -12.99 3.15 9.20
N GLY A 98 -13.53 1.97 9.49
CA GLY A 98 -14.96 1.85 9.72
C GLY A 98 -15.71 2.29 8.48
N GLU A 99 -16.75 3.11 8.67
CA GLU A 99 -17.53 3.61 7.54
C GLU A 99 -16.97 4.89 6.95
N ASN A 100 -15.79 5.32 7.38
CA ASN A 100 -15.21 6.58 6.95
C ASN A 100 -14.03 6.35 6.02
N VAL A 101 -13.83 7.29 5.11
CA VAL A 101 -12.65 7.29 4.25
C VAL A 101 -12.13 8.71 4.15
N VAL A 102 -10.82 8.88 4.33
CA VAL A 102 -10.14 10.10 3.93
C VAL A 102 -9.69 9.90 2.49
N LEU A 103 -10.27 10.66 1.58
CA LEU A 103 -9.93 10.55 0.18
CA LEU A 103 -9.92 10.56 0.18
C LEU A 103 -8.51 11.05 -0.04
N SER A 104 -7.77 10.37 -0.92
CA SER A 104 -6.45 10.87 -1.24
C SER A 104 -6.53 12.13 -2.06
N ARG A 105 -5.58 13.01 -1.83
CA ARG A 105 -5.29 14.15 -2.69
C ARG A 105 -3.87 13.91 -3.20
N PHE A 106 -3.76 13.55 -4.47
CA PHE A 106 -2.47 13.12 -5.00
C PHE A 106 -1.50 14.29 -5.12
N TYR A 107 -0.24 13.99 -4.88
CA TYR A 107 0.81 14.98 -5.07
C TYR A 107 0.92 15.40 -6.54
N HIS A 108 0.83 14.45 -7.46
CA HIS A 108 1.09 14.68 -8.88
C HIS A 108 -0.21 14.84 -9.66
N LYS A 109 -0.23 15.82 -10.57
CA LYS A 109 -1.39 16.03 -11.42
C LYS A 109 -1.71 14.78 -12.24
N GLU A 110 -0.69 13.96 -12.51
CA GLU A 110 -0.86 12.76 -13.33
C GLU A 110 -1.79 11.73 -12.68
N ARG A 111 -1.98 11.80 -11.36
CA ARG A 111 -2.91 10.93 -10.68
C ARG A 111 -4.13 11.64 -10.13
N GLN A 112 -4.13 12.98 -10.11
CA GLN A 112 -5.24 13.71 -9.50
C GLN A 112 -6.56 13.43 -10.19
N GLY A 113 -6.54 13.12 -11.49
CA GLY A 113 -7.78 12.78 -12.18
C GLY A 113 -8.43 11.49 -11.74
N GLU A 114 -7.73 10.66 -10.95
CA GLU A 114 -8.35 9.47 -10.39
C GLU A 114 -9.30 9.81 -9.26
N GLU A 115 -9.09 10.94 -8.59
CA GLU A 115 -9.84 11.28 -7.39
C GLU A 115 -11.35 11.23 -7.56
N PRO A 116 -11.95 11.82 -8.61
CA PRO A 116 -13.41 11.74 -8.73
C PRO A 116 -13.93 10.33 -8.89
N TYR A 117 -13.19 9.46 -9.57
CA TYR A 117 -13.64 8.09 -9.75
C TYR A 117 -13.60 7.31 -8.44
N PHE A 118 -12.51 7.46 -7.67
CA PHE A 118 -12.46 6.81 -6.36
C PHE A 118 -13.53 7.37 -5.43
N LYS A 119 -13.70 8.69 -5.43
CA LYS A 119 -14.75 9.29 -4.60
C LYS A 119 -16.11 8.70 -4.93
N ALA A 120 -16.41 8.58 -6.22
CA ALA A 120 -17.70 8.02 -6.62
C ALA A 120 -17.85 6.59 -6.13
N TRP A 121 -16.78 5.79 -6.20
CA TRP A 121 -16.87 4.43 -5.68
C TRP A 121 -17.16 4.42 -4.19
N PHE A 122 -16.44 5.23 -3.42
CA PHE A 122 -16.65 5.25 -1.98
C PHE A 122 -18.08 5.67 -1.64
N GLU A 123 -18.60 6.70 -2.33
CA GLU A 123 -19.95 7.17 -2.04
C GLU A 123 -21.00 6.14 -2.44
N GLU A 124 -20.80 5.48 -3.58
CA GLU A 124 -21.75 4.47 -4.04
C GLU A 124 -21.80 3.28 -3.10
N ASN A 125 -20.70 3.00 -2.39
CA ASN A 125 -20.61 1.84 -1.53
C ASN A 125 -20.81 2.18 -0.06
N GLY A 126 -21.35 3.36 0.23
CA GLY A 126 -21.86 3.67 1.55
C GLY A 126 -20.89 4.29 2.52
N PHE A 127 -19.70 4.71 2.07
CA PHE A 127 -18.75 5.35 2.95
C PHE A 127 -19.04 6.84 3.08
N THR A 128 -18.67 7.39 4.23
CA THR A 128 -18.69 8.84 4.45
C THR A 128 -17.28 9.37 4.18
N VAL A 129 -17.17 10.31 3.25
CA VAL A 129 -15.89 10.72 2.69
C VAL A 129 -15.46 12.05 3.30
N TYR A 130 -14.22 12.11 3.77
CA TYR A 130 -13.55 13.34 4.18
C TYR A 130 -12.57 13.75 3.09
N GLU A 131 -12.52 15.04 2.79
CA GLU A 131 -11.67 15.57 1.73
C GLU A 131 -10.71 16.61 2.30
N LEU A 132 -9.45 16.48 1.96
CA LEU A 132 -8.44 17.42 2.38
C LEU A 132 -8.48 18.68 1.52
N PRO A 133 -7.92 19.78 2.03
CA PRO A 133 -7.71 20.95 1.17
C PRO A 133 -6.94 20.55 -0.08
N GLN A 134 -7.28 21.21 -1.19
CA GLN A 134 -6.69 20.85 -2.49
C GLN A 134 -5.17 20.98 -2.50
N ASP A 135 -4.60 21.81 -1.63
CA ASP A 135 -3.17 22.05 -1.63
C ASP A 135 -2.42 21.16 -0.63
N LEU A 136 -3.08 20.16 -0.07
CA LEU A 136 -2.50 19.35 1.00
C LEU A 136 -2.48 17.89 0.57
N PRO A 137 -1.36 17.41 0.04
CA PRO A 137 -1.33 16.04 -0.50
C PRO A 137 -1.32 14.98 0.60
N PHE A 138 -1.97 13.87 0.28
CA PHE A 138 -2.06 12.71 1.15
C PHE A 138 -2.49 11.54 0.28
N GLU A 139 -1.74 10.44 0.33
CA GLU A 139 -1.97 9.36 -0.63
C GLU A 139 -2.51 8.07 -0.02
N GLY A 140 -3.34 8.22 1.00
CA GLY A 140 -4.20 7.11 1.39
C GLY A 140 -3.44 5.98 2.06
N ALA A 141 -3.96 4.77 1.89
CA ALA A 141 -3.30 3.60 2.47
C ALA A 141 -1.92 3.35 1.87
N GLY A 142 -1.64 3.91 0.70
CA GLY A 142 -0.27 3.86 0.20
C GLY A 142 0.72 4.49 1.16
N ASP A 143 0.27 5.50 1.91
CA ASP A 143 1.15 6.19 2.83
C ASP A 143 0.75 6.06 4.29
N ALA A 144 -0.30 5.32 4.62
CA ALA A 144 -0.75 5.25 6.00
C ALA A 144 -1.37 3.88 6.24
N LEU A 145 -0.85 3.16 7.23
CA LEU A 145 -1.24 1.78 7.49
C LEU A 145 -1.49 1.61 8.97
N PHE A 146 -2.63 1.05 9.33
CA PHE A 146 -2.93 0.82 10.73
C PHE A 146 -2.07 -0.31 11.29
N ASP A 147 -1.67 -0.13 12.54
CA ASP A 147 -1.28 -1.27 13.36
C ASP A 147 -2.44 -2.26 13.38
N ARG A 148 -2.15 -3.56 13.24
CA ARG A 148 -3.24 -4.49 12.97
C ARG A 148 -4.18 -4.72 14.17
N GLU A 149 -3.72 -4.41 15.38
CA GLU A 149 -4.60 -4.40 16.54
C GLU A 149 -5.33 -3.08 16.72
N GLY A 150 -5.16 -2.14 15.79
CA GLY A 150 -5.86 -0.88 15.86
C GLY A 150 -5.38 0.07 16.92
N ARG A 151 -4.14 -0.11 17.41
CA ARG A 151 -3.67 0.74 18.50
C ARG A 151 -3.36 2.16 18.02
N TRP A 152 -3.01 2.33 16.74
CA TRP A 152 -2.64 3.61 16.17
C TRP A 152 -2.48 3.41 14.66
N LEU A 153 -2.32 4.53 13.97
CA LEU A 153 -2.08 4.56 12.53
C LEU A 153 -0.65 4.98 12.31
N TRP A 154 0.11 4.19 11.56
CA TRP A 154 1.42 4.63 11.10
C TRP A 154 1.23 5.43 9.83
N ALA A 155 1.84 6.60 9.73
CA ALA A 155 1.62 7.45 8.57
C ALA A 155 2.95 7.97 8.05
N GLY A 156 3.25 7.68 6.80
CA GLY A 156 4.46 8.17 6.19
C GLY A 156 4.32 9.57 5.65
N TYR A 157 5.47 10.23 5.53
CA TYR A 157 5.54 11.51 4.83
C TYR A 157 6.93 11.64 4.27
N GLY A 158 7.10 12.61 3.35
CA GLY A 158 8.42 12.95 2.86
C GLY A 158 8.51 12.98 1.36
N PHE A 159 7.63 12.28 0.66
CA PHE A 159 7.62 12.34 -0.81
C PHE A 159 6.27 12.60 -1.39
N ARG A 160 5.22 12.01 -0.85
CA ARG A 160 3.89 12.17 -1.41
C ARG A 160 2.98 12.88 -0.41
N SER A 161 2.75 12.29 0.75
CA SER A 161 1.87 12.89 1.74
C SER A 161 2.64 13.96 2.52
N GLU A 162 1.94 15.05 2.82
CA GLU A 162 2.50 16.13 3.62
C GLU A 162 2.31 15.81 5.10
N LEU A 163 3.35 16.09 5.90
CA LEU A 163 3.25 15.94 7.35
C LEU A 163 2.03 16.68 7.91
N ASP A 164 1.72 17.86 7.37
CA ASP A 164 0.59 18.64 7.85
C ASP A 164 -0.76 17.96 7.62
N SER A 165 -0.83 16.92 6.79
CA SER A 165 -2.08 16.18 6.66
C SER A 165 -2.34 15.28 7.86
N HIS A 166 -1.31 14.93 8.62
CA HIS A 166 -1.49 13.92 9.66
C HIS A 166 -2.45 14.34 10.78
N PRO A 167 -2.40 15.60 11.25
CA PRO A 167 -3.43 16.02 12.23
C PRO A 167 -4.85 15.90 11.72
N TYR A 168 -5.10 16.27 10.45
CA TYR A 168 -6.44 16.08 9.89
C TYR A 168 -6.89 14.64 10.06
N ILE A 169 -6.05 13.71 9.61
CA ILE A 169 -6.36 12.29 9.71
C ILE A 169 -6.64 11.92 11.16
N ALA A 170 -5.77 12.37 12.07
CA ALA A 170 -5.90 11.98 13.46
C ALA A 170 -7.26 12.38 13.99
N LYS A 171 -7.73 13.56 13.59
CA LYS A 171 -9.01 14.05 14.10
C LYS A 171 -10.17 13.40 13.37
N TRP A 172 -10.05 13.27 12.04
CA TRP A 172 -11.19 12.77 11.28
C TRP A 172 -11.48 11.33 11.66
N LEU A 173 -10.43 10.54 11.93
CA LEU A 173 -10.59 9.14 12.19
C LEU A 173 -10.49 8.79 13.67
N ASP A 174 -10.22 9.77 14.53
CA ASP A 174 -10.10 9.56 15.98
C ASP A 174 -9.09 8.47 16.30
N THR A 175 -7.87 8.68 15.80
CA THR A 175 -6.80 7.72 15.98
C THR A 175 -5.52 8.47 16.28
N GLU A 176 -4.68 7.89 17.13
CA GLU A 176 -3.32 8.37 17.23
C GLU A 176 -2.62 8.11 15.89
N VAL A 177 -1.86 9.08 15.44
CA VAL A 177 -1.05 8.96 14.24
C VAL A 177 0.40 9.01 14.64
N VAL A 178 1.17 8.01 14.22
CA VAL A 178 2.60 7.92 14.45
C VAL A 178 3.26 8.24 13.11
N SER A 179 3.85 9.42 13.00
CA SER A 179 4.39 9.90 11.74
C SER A 179 5.80 9.36 11.54
N LEU A 180 6.08 8.89 10.33
CA LEU A 180 7.36 8.29 9.96
C LEU A 180 7.87 8.99 8.71
N ARG A 181 9.13 9.42 8.74
CA ARG A 181 9.70 10.19 7.63
C ARG A 181 10.50 9.28 6.70
N LEU A 182 10.08 9.26 5.44
CA LEU A 182 10.72 8.51 4.37
C LEU A 182 11.83 9.36 3.78
N ILE A 183 12.99 8.73 3.53
CA ILE A 183 14.19 9.43 3.10
C ILE A 183 14.80 8.91 1.81
N ASP A 184 14.23 7.87 1.18
CA ASP A 184 14.79 7.26 -0.02
C ASP A 184 13.72 7.36 -1.11
N GLU A 185 14.04 8.06 -2.20
CA GLU A 185 13.09 8.29 -3.29
CA GLU A 185 13.02 8.29 -3.22
C GLU A 185 12.52 6.99 -3.86
N ARG A 186 13.27 5.90 -3.77
CA ARG A 186 12.75 4.63 -4.25
C ARG A 186 11.59 4.14 -3.40
N PHE A 187 11.62 4.44 -2.10
CA PHE A 187 10.60 4.02 -1.16
C PHE A 187 9.78 5.23 -0.77
N TYR A 188 8.99 5.68 -1.74
CA TYR A 188 8.34 6.98 -1.71
C TYR A 188 6.95 6.92 -1.10
N HIS A 189 6.39 5.70 -0.95
CA HIS A 189 5.15 5.41 -0.26
C HIS A 189 5.50 4.53 0.94
N LEU A 190 4.83 4.76 2.06
CA LEU A 190 5.04 3.92 3.24
C LEU A 190 4.90 2.43 2.89
N ASP A 191 3.92 2.08 2.07
CA ASP A 191 3.63 0.67 1.84
C ASP A 191 4.66 -0.03 0.97
N THR A 192 5.63 0.70 0.43
CA THR A 192 6.71 0.05 -0.31
C THR A 192 7.85 -0.39 0.59
N CYS A 193 7.83 0.00 1.87
CA CYS A 193 8.96 -0.29 2.75
C CYS A 193 8.50 -0.65 4.16
N PHE A 194 7.21 -0.90 4.38
CA PHE A 194 6.68 -0.98 5.73
C PHE A 194 5.31 -1.64 5.66
N CYS A 195 5.10 -2.70 6.44
CA CYS A 195 3.91 -3.53 6.30
C CYS A 195 3.54 -4.12 7.65
N PRO A 196 2.63 -3.48 8.39
CA PRO A 196 2.09 -4.10 9.60
C PRO A 196 1.41 -5.42 9.27
N LEU A 197 1.66 -6.43 10.08
CA LEU A 197 1.10 -7.76 9.90
C LEU A 197 0.28 -8.18 11.11
N SER A 198 -0.45 -9.28 10.95
CA SER A 198 -1.13 -9.86 12.09
CA SER A 198 -1.12 -9.93 12.08
C SER A 198 -0.11 -10.34 13.14
N GLY A 199 -0.63 -10.62 14.34
CA GLY A 199 0.23 -11.17 15.37
C GLY A 199 1.23 -10.19 15.96
N GLY A 200 1.06 -8.91 15.72
CA GLY A 200 1.99 -7.90 16.20
C GLY A 200 3.24 -7.70 15.37
N TYR A 201 3.42 -8.44 14.27
CA TYR A 201 4.64 -8.38 13.50
C TYR A 201 4.66 -7.20 12.56
N LEU A 202 5.87 -6.74 12.24
CA LEU A 202 6.06 -5.63 11.32
C LEU A 202 7.15 -6.01 10.33
N LEU A 203 6.82 -6.02 9.04
CA LEU A 203 7.76 -6.32 7.97
C LEU A 203 8.22 -4.98 7.40
N TYR A 204 9.51 -4.67 7.48
CA TYR A 204 9.91 -3.32 7.04
C TYR A 204 11.38 -3.27 6.65
N TYR A 205 11.74 -2.17 5.98
CA TYR A 205 13.10 -1.91 5.50
C TYR A 205 13.62 -0.66 6.21
N PRO A 206 14.38 -0.81 7.30
CA PRO A 206 14.79 0.35 8.12
C PRO A 206 15.48 1.47 7.36
N PRO A 207 16.33 1.19 6.34
CA PRO A 207 17.02 2.31 5.65
C PRO A 207 16.11 3.25 4.88
N ALA A 208 14.82 2.92 4.71
CA ALA A 208 13.88 3.84 4.10
C ALA A 208 13.48 4.96 5.03
N PHE A 209 13.83 4.89 6.30
CA PHE A 209 13.40 5.83 7.32
C PHE A 209 14.60 6.55 7.94
N ASP A 210 14.38 7.78 8.40
CA ASP A 210 15.44 8.47 9.11
C ASP A 210 15.66 7.88 10.50
N ALA A 211 16.69 8.37 11.19
CA ALA A 211 17.07 7.76 12.46
C ALA A 211 15.99 7.93 13.50
N TYR A 212 15.40 9.13 13.59
CA TYR A 212 14.34 9.37 14.56
C TYR A 212 13.17 8.44 14.30
N SER A 213 12.78 8.29 13.03
CA SER A 213 11.64 7.43 12.69
C SER A 213 11.93 5.97 13.02
N ASN A 214 13.16 5.51 12.76
CA ASN A 214 13.51 4.17 13.19
C ASN A 214 13.41 4.02 14.69
N ARG A 215 13.82 5.04 15.45
CA ARG A 215 13.70 4.93 16.90
C ARG A 215 12.24 4.86 17.32
N VAL A 216 11.37 5.62 16.65
CA VAL A 216 9.94 5.60 16.95
C VAL A 216 9.36 4.21 16.69
N ILE A 217 9.72 3.61 15.55
CA ILE A 217 9.28 2.25 15.26
C ILE A 217 9.75 1.28 16.36
N GLU A 218 11.03 1.36 16.70
CA GLU A 218 11.65 0.44 17.66
C GLU A 218 11.06 0.57 19.04
N MET A 219 10.66 1.78 19.44
CA MET A 219 10.02 1.97 20.74
C MET A 219 8.72 1.20 20.85
N ARG A 220 8.02 1.01 19.73
CA ARG A 220 6.69 0.42 19.76
C ARG A 220 6.68 -1.05 19.40
N ILE A 221 7.59 -1.50 18.56
CA ILE A 221 7.63 -2.88 18.09
C ILE A 221 8.91 -3.50 18.60
N PRO A 222 8.85 -4.47 19.51
CA PRO A 222 10.09 -5.03 20.06
C PRO A 222 10.79 -5.90 19.02
N PRO A 223 12.09 -6.18 19.23
CA PRO A 223 12.86 -6.90 18.19
C PRO A 223 12.25 -8.22 17.73
N GLU A 224 11.67 -9.01 18.64
CA GLU A 224 11.15 -10.31 18.22
C GLU A 224 9.96 -10.20 17.29
N LYS A 225 9.32 -9.03 17.20
CA LYS A 225 8.21 -8.80 16.28
C LYS A 225 8.64 -8.09 15.01
N ARG A 226 9.91 -7.76 14.85
CA ARG A 226 10.40 -7.10 13.64
C ARG A 226 10.87 -8.14 12.65
N ILE A 227 10.39 -8.04 11.41
CA ILE A 227 10.84 -8.87 10.30
C ILE A 227 11.54 -7.90 9.35
N ILE A 228 12.86 -7.83 9.48
CA ILE A 228 13.67 -6.83 8.81
C ILE A 228 14.07 -7.35 7.45
N VAL A 229 13.76 -6.60 6.43
CA VAL A 229 14.10 -6.99 5.07
CA VAL A 229 14.07 -6.93 5.04
C VAL A 229 15.43 -6.35 4.69
N GLU A 230 16.20 -7.08 3.89
CA GLU A 230 17.44 -6.54 3.36
C GLU A 230 17.18 -5.91 1.99
N GLU A 231 18.16 -5.14 1.50
CA GLU A 231 17.92 -4.33 0.31
C GLU A 231 17.53 -5.18 -0.88
N LEU A 232 18.12 -6.37 -1.01
CA LEU A 232 17.81 -7.22 -2.15
C LEU A 232 16.33 -7.54 -2.22
N ASP A 233 15.70 -7.83 -1.08
CA ASP A 233 14.26 -8.06 -1.08
C ASP A 233 13.48 -6.75 -1.20
N ALA A 234 13.96 -5.69 -0.55
CA ALA A 234 13.27 -4.41 -0.59
C ALA A 234 13.08 -3.92 -2.02
N VAL A 235 14.13 -4.03 -2.86
CA VAL A 235 14.04 -3.53 -4.23
C VAL A 235 13.18 -4.41 -5.12
N ASN A 236 12.79 -5.59 -4.65
CA ASN A 236 11.79 -6.38 -5.33
C ASN A 236 10.41 -6.23 -4.70
N PHE A 237 10.24 -5.19 -3.89
CA PHE A 237 8.94 -4.83 -3.31
C PHE A 237 8.43 -5.85 -2.32
N ALA A 238 9.34 -6.50 -1.60
CA ALA A 238 8.95 -7.47 -0.58
C ALA A 238 8.02 -6.88 0.47
N CYS A 239 8.25 -5.62 0.85
CA CYS A 239 7.40 -5.03 1.87
C CYS A 239 6.01 -4.65 1.37
N ASN A 240 5.83 -4.60 0.06
CA ASN A 240 4.55 -4.25 -0.56
C ASN A 240 3.69 -5.52 -0.64
N ALA A 241 3.37 -6.04 0.54
CA ALA A 241 2.77 -7.34 0.71
C ALA A 241 1.33 -7.19 1.19
N VAL A 242 0.48 -8.12 0.74
CA VAL A 242 -0.91 -8.20 1.19
C VAL A 242 -1.00 -9.27 2.25
N ASN A 243 -1.50 -8.93 3.42
CA ASN A 243 -1.62 -9.87 4.51
C ASN A 243 -3.07 -9.99 4.95
N VAL A 244 -3.58 -11.22 4.90
CA VAL A 244 -4.91 -11.54 5.39
C VAL A 244 -4.68 -12.69 6.34
N ASN A 245 -4.93 -12.42 7.60
CA ASN A 245 -4.74 -13.40 8.67
C ASN A 245 -3.30 -13.90 8.62
N ASP A 246 -3.08 -15.18 8.39
CA ASP A 246 -1.74 -15.75 8.32
C ASP A 246 -1.15 -15.88 6.92
N ILE A 247 -1.85 -15.39 5.92
CA ILE A 247 -1.41 -15.45 4.55
C ILE A 247 -0.75 -14.12 4.16
N ILE A 248 0.40 -14.22 3.48
CA ILE A 248 1.09 -13.04 2.97
CA ILE A 248 1.04 -13.03 2.98
C ILE A 248 1.33 -13.26 1.49
N ILE A 249 0.90 -12.31 0.68
CA ILE A 249 0.99 -12.40 -0.78
C ILE A 249 1.93 -11.30 -1.24
N MET A 250 2.93 -11.67 -2.05
CA MET A 250 3.94 -10.73 -2.48
CA MET A 250 3.88 -10.67 -2.52
C MET A 250 4.48 -11.13 -3.85
N ASN A 251 5.20 -10.19 -4.44
N ASN A 251 5.26 -10.24 -4.47
CA ASN A 251 6.17 -10.49 -5.48
CA ASN A 251 5.71 -10.46 -5.85
C ASN A 251 7.23 -11.45 -4.93
C ASN A 251 6.73 -11.59 -5.94
N LEU A 252 8.03 -12.00 -5.84
N LEU A 252 7.85 -11.48 -5.22
CA LEU A 252 9.04 -12.98 -5.45
CA LEU A 252 8.90 -12.49 -5.26
C LEU A 252 10.03 -12.40 -4.45
C LEU A 252 9.90 -12.16 -4.18
N VAL A 253 10.27 -13.13 -3.36
CA VAL A 253 11.26 -12.76 -2.35
CA VAL A 253 11.18 -12.83 -2.25
C VAL A 253 12.19 -13.94 -2.07
N SER A 254 13.24 -13.63 -1.33
CA SER A 254 14.31 -14.57 -1.05
C SER A 254 13.82 -15.70 -0.17
N ARG A 255 14.53 -16.83 -0.26
CA ARG A 255 14.25 -17.91 0.69
C ARG A 255 14.55 -17.49 2.11
N THR A 256 15.53 -16.60 2.30
CA THR A 256 15.82 -16.11 3.65
C THR A 256 14.58 -15.45 4.25
N LEU A 257 13.95 -14.54 3.51
CA LEU A 257 12.78 -13.86 4.04
C LEU A 257 11.61 -14.81 4.17
N LYS A 258 11.42 -15.70 3.20
CA LYS A 258 10.33 -16.67 3.30
C LYS A 258 10.46 -17.51 4.56
N GLU A 259 11.68 -17.90 4.92
CA GLU A 259 11.87 -18.72 6.12
C GLU A 259 11.61 -17.91 7.38
N LYS A 260 12.01 -16.63 7.39
CA LYS A 260 11.68 -15.77 8.54
C LYS A 260 10.17 -15.64 8.70
N LEU A 261 9.46 -15.45 7.60
CA LEU A 261 8.01 -15.32 7.68
C LEU A 261 7.36 -16.63 8.12
N ALA A 262 7.84 -17.76 7.62
CA ALA A 262 7.29 -19.04 8.02
C ALA A 262 7.52 -19.29 9.52
N GLU A 263 8.68 -18.90 10.03
CA GLU A 263 8.95 -19.07 11.46
C GLU A 263 8.01 -18.21 12.30
N ALA A 264 7.61 -17.06 11.79
CA ALA A 264 6.65 -16.19 12.47
C ALA A 264 5.20 -16.65 12.30
N GLY A 265 4.97 -17.71 11.53
CA GLY A 265 3.63 -18.25 11.39
C GLY A 265 2.90 -17.90 10.11
N PHE A 266 3.57 -17.27 9.14
CA PHE A 266 2.89 -16.84 7.93
C PHE A 266 3.09 -17.83 6.79
N LYS A 267 2.07 -17.97 5.97
CA LYS A 267 2.10 -18.75 4.74
C LYS A 267 2.31 -17.77 3.57
N VAL A 268 3.42 -17.91 2.88
CA VAL A 268 3.80 -16.96 1.83
C VAL A 268 3.30 -17.47 0.48
N ARG A 269 2.67 -16.59 -0.27
CA ARG A 269 2.25 -16.89 -1.63
C ARG A 269 2.87 -15.84 -2.54
N GLU A 270 3.66 -16.27 -3.50
CA GLU A 270 4.33 -15.36 -4.43
C GLU A 270 3.59 -15.38 -5.75
N THR A 271 3.52 -14.20 -6.39
CA THR A 271 2.89 -14.16 -7.69
C THR A 271 3.58 -13.05 -8.49
N PRO A 272 3.88 -13.29 -9.77
CA PRO A 272 4.75 -12.36 -10.50
C PRO A 272 4.04 -11.05 -10.82
N LEU A 273 4.74 -9.94 -10.57
CA LEU A 273 4.12 -8.61 -10.78
C LEU A 273 5.06 -7.65 -11.49
N THR A 274 5.96 -8.18 -12.33
CA THR A 274 7.00 -7.36 -12.96
C THR A 274 6.43 -6.20 -13.76
N GLU A 275 5.26 -6.37 -14.38
CA GLU A 275 4.71 -5.31 -15.21
C GLU A 275 4.29 -4.12 -14.37
N PHE A 276 3.93 -4.35 -13.11
CA PHE A 276 3.55 -3.31 -12.17
C PHE A 276 4.75 -2.69 -11.48
N LEU A 277 5.82 -3.47 -11.26
CA LEU A 277 7.04 -2.87 -10.74
C LEU A 277 7.60 -1.82 -11.70
N LYS A 278 7.33 -1.97 -13.00
CA LYS A 278 7.74 -0.93 -13.95
C LYS A 278 7.10 0.43 -13.64
N ALA A 279 5.99 0.45 -12.92
CA ALA A 279 5.33 1.68 -12.48
C ALA A 279 5.63 2.00 -11.02
N GLY A 280 6.48 1.22 -10.37
CA GLY A 280 6.79 1.44 -8.98
C GLY A 280 5.78 0.95 -7.99
N GLY A 281 5.01 -0.11 -8.32
CA GLY A 281 4.07 -0.69 -7.37
C GLY A 281 4.05 -2.21 -7.49
N ALA A 282 3.51 -2.84 -6.45
CA ALA A 282 3.41 -4.30 -6.43
C ALA A 282 2.12 -4.73 -5.73
N ALA A 283 2.13 -5.90 -5.09
CA ALA A 283 0.89 -6.53 -4.65
C ALA A 283 0.04 -5.61 -3.77
N LYS A 284 0.64 -5.05 -2.72
CA LYS A 284 -0.11 -4.23 -1.79
C LYS A 284 -0.63 -2.96 -2.46
N CYS A 285 0.17 -2.35 -3.34
CA CYS A 285 -0.28 -1.15 -4.04
C CYS A 285 -1.53 -1.39 -4.87
N LEU A 286 -1.73 -2.61 -5.36
CA LEU A 286 -2.87 -2.98 -6.19
C LEU A 286 -4.11 -3.30 -5.36
N THR A 287 -4.08 -3.05 -4.05
CA THR A 287 -5.17 -3.42 -3.17
C THR A 287 -5.48 -2.30 -2.18
N LEU A 288 -6.72 -2.27 -1.73
CA LEU A 288 -7.11 -1.42 -0.61
C LEU A 288 -8.08 -2.21 0.25
N ARG A 289 -7.73 -2.48 1.49
CA ARG A 289 -8.67 -3.13 2.38
CA ARG A 289 -8.68 -3.13 2.38
C ARG A 289 -9.75 -2.13 2.77
N VAL A 290 -11.00 -2.41 2.38
CA VAL A 290 -12.10 -1.49 2.63
C VAL A 290 -12.92 -1.87 3.86
N THR A 291 -12.56 -2.95 4.53
CA THR A 291 -13.15 -3.34 5.81
C THR A 291 -12.04 -3.22 6.85
N GLU A 292 -12.00 -2.09 7.54
CA GLU A 292 -11.03 -1.83 8.59
C GLU A 292 -11.83 -1.62 9.86
N PRO A 293 -11.98 -2.63 10.71
CA PRO A 293 -12.87 -2.52 11.86
C PRO A 293 -12.33 -1.54 12.88
N ILE A 294 -13.23 -0.84 13.55
CA ILE A 294 -12.83 -0.03 14.70
C ILE A 294 -12.77 -0.95 15.91
N LEU A 295 -11.58 -1.10 16.48
CA LEU A 295 -11.31 -2.07 17.53
C LEU A 295 -11.20 -1.40 18.89
N PRO A 296 -11.73 -2.01 19.95
CA PRO A 296 -11.64 -1.51 21.32
C PRO A 296 -10.27 -1.77 21.93
N ARG B . 2.95 4.82 -10.39
CA ARG B . 2.25 4.94 -9.11
C ARG B . 2.68 6.22 -8.43
O ARG B . 3.80 6.70 -8.67
CB ARG B . 2.55 3.74 -8.19
CG ARG B . 1.96 3.89 -6.81
CD ARG B . 2.21 2.67 -5.93
NE ARG B . 1.79 2.89 -4.55
CZ ARG B . 1.21 1.97 -3.78
NH2 ARG B . 0.87 2.29 -2.54
OXT ARG B . 1.91 6.79 -7.63
C1 EDO C . 2.56 -3.52 13.54
O1 EDO C . 1.88 -2.27 13.79
C2 EDO C . 1.67 -4.73 13.89
O2 EDO C . 0.57 -4.84 12.99
C1 EDO D . 3.89 -13.95 -16.48
O1 EDO D . 4.61 -13.23 -15.48
C2 EDO D . 2.39 -13.69 -16.33
O2 EDO D . 1.94 -14.25 -15.09
C1 EDO E . -4.30 -8.27 9.25
O1 EDO E . -5.25 -7.83 10.22
C2 EDO E . -4.62 -9.70 8.82
O2 EDO E . -5.95 -9.83 8.34
C1 EDO F . 8.09 10.03 -5.84
O1 EDO F . 7.29 11.07 -5.29
C2 EDO F . 9.49 10.17 -5.31
O2 EDO F . 10.12 8.90 -5.45
C1 EDO G . -20.44 -10.99 -2.88
O1 EDO G . -21.53 -11.92 -2.74
C2 EDO G . -19.13 -11.54 -2.29
O2 EDO G . -18.53 -12.53 -3.14
C1 EDO H . 11.00 7.84 -20.59
O1 EDO H . 10.97 6.43 -20.32
C2 EDO H . 12.26 8.49 -20.06
O2 EDO H . 12.46 8.11 -18.69
C1 EDO I . 15.01 2.44 -8.73
O1 EDO I . 16.36 2.33 -8.26
C2 EDO I . 15.02 2.60 -10.24
O2 EDO I . 15.72 1.49 -10.81
C1 EDO J . 14.40 -11.22 -5.86
O1 EDO J . 15.57 -10.82 -6.59
C2 EDO J . 14.49 -10.64 -4.45
O2 EDO J . 15.08 -11.57 -3.55
C1 EDO K . 1.43 -14.50 13.15
O1 EDO K . 0.69 -14.51 14.38
C2 EDO K . 0.68 -15.30 12.10
O2 EDO K . -0.68 -14.84 12.03
C1 EDO L . -7.72 -0.56 12.33
O1 EDO L . -8.59 -0.71 13.45
C2 EDO L . -7.22 -1.94 11.92
O2 EDO L . -8.32 -2.73 11.46
#